data_1BDJ
#
_entry.id   1BDJ
#
_cell.length_a   55.175
_cell.length_b   76.170
_cell.length_c   83.270
_cell.angle_alpha   90.00
_cell.angle_beta   90.00
_cell.angle_gamma   90.00
#
_symmetry.space_group_name_H-M   'P 21 21 21'
#
loop_
_entity.id
_entity.type
_entity.pdbx_description
1 polymer CHEY
2 polymer 'AEROBIC RESPIRATION CONTROL SENSOR PROTEIN ARCB'
3 non-polymer 'SULFATE ION'
4 water water
#
loop_
_entity_poly.entity_id
_entity_poly.type
_entity_poly.pdbx_seq_one_letter_code
_entity_poly.pdbx_strand_id
1 'polypeptide(L)'
;ADKELKFLVVDDFSTMRRIVRNLLKELGFNNVEEAEDGVDALNKLQAGGYGFVISDWNMPNMDGLELLKTIRADGAMSAL
PVLMVTAEAKKENIIAAAQAGASGYVVKPFTAATLEEKLNKIFEKLGM
;
A
2 'polypeptide(L)'
;TTEENSKSEALLDIPMLEQYLELVGPKLITDGLAVFEKMMPGYVSVLESNLTAQDKKGIVEEGHKIKGAAGSVGLRHLQQ
LGQQIQSPDLPAWEDNVGEWIEEMKEEWRHDVEVLKAWVAKATKK
;
B
#
loop_
_chem_comp.id
_chem_comp.type
_chem_comp.name
_chem_comp.formula
SO4 non-polymer 'SULFATE ION' 'O4 S -2'
#
# COMPACT_ATOMS: atom_id res chain seq x y z
N ALA A 1 10.75 26.66 -1.47
CA ALA A 1 10.38 26.99 -0.06
C ALA A 1 11.55 26.71 0.89
N ASP A 2 11.26 26.49 2.16
CA ASP A 2 12.30 26.19 3.14
C ASP A 2 12.85 24.78 2.87
N LYS A 3 14.13 24.55 3.16
CA LYS A 3 14.74 23.24 2.91
C LYS A 3 14.54 22.21 4.04
N GLU A 4 14.32 22.71 5.25
CA GLU A 4 14.10 21.86 6.43
C GLU A 4 12.65 21.38 6.57
N LEU A 5 11.79 21.81 5.64
CA LEU A 5 10.38 21.42 5.62
C LEU A 5 10.27 19.90 5.71
N LYS A 6 9.45 19.43 6.64
CA LYS A 6 9.26 17.99 6.83
C LYS A 6 8.10 17.42 5.98
N PHE A 7 8.41 16.37 5.23
CA PHE A 7 7.47 15.68 4.36
C PHE A 7 7.23 14.29 4.91
N LEU A 8 6.08 13.73 4.55
CA LEU A 8 5.70 12.38 4.94
C LEU A 8 5.17 11.73 3.68
N VAL A 9 5.81 10.65 3.26
CA VAL A 9 5.39 9.93 2.05
C VAL A 9 4.60 8.70 2.45
N VAL A 10 3.31 8.76 2.19
CA VAL A 10 2.42 7.68 2.54
C VAL A 10 2.19 6.81 1.32
N ASP A 11 2.72 5.59 1.39
CA ASP A 11 2.63 4.63 0.31
C ASP A 11 2.96 3.30 0.91
N ASP A 12 2.13 2.28 0.67
CA ASP A 12 2.40 0.94 1.19
C ASP A 12 3.78 0.50 0.75
N PHE A 13 3.89 -0.30 -0.31
CA PHE A 13 5.22 -0.70 -0.73
C PHE A 13 5.34 -0.84 -2.23
N SER A 14 5.32 0.29 -2.92
CA SER A 14 5.46 0.27 -4.37
C SER A 14 6.60 1.19 -4.82
N THR A 15 6.67 1.46 -6.13
CA THR A 15 7.73 2.31 -6.69
C THR A 15 7.53 3.79 -6.38
N MET A 16 6.35 4.14 -5.87
CA MET A 16 6.03 5.53 -5.54
C MET A 16 7.01 6.16 -4.53
N ARG A 17 7.39 5.39 -3.52
CA ARG A 17 8.29 5.92 -2.52
C ARG A 17 9.69 6.18 -3.02
N ARG A 18 10.29 5.23 -3.74
CA ARG A 18 11.64 5.44 -4.26
C ARG A 18 11.62 6.60 -5.25
N ILE A 19 10.59 6.69 -6.06
CA ILE A 19 10.50 7.79 -7.01
C ILE A 19 10.37 9.13 -6.30
N VAL A 20 9.31 9.30 -5.52
CA VAL A 20 9.08 10.55 -4.81
C VAL A 20 10.19 11.00 -3.87
N ARG A 21 10.74 10.08 -3.10
CA ARG A 21 11.82 10.41 -2.18
C ARG A 21 13.00 10.97 -2.98
N ASN A 22 13.27 10.37 -4.13
CA ASN A 22 14.38 10.78 -4.99
C ASN A 22 14.16 12.15 -5.60
N LEU A 23 12.98 12.37 -6.16
CA LEU A 23 12.69 13.65 -6.78
C LEU A 23 12.72 14.77 -5.77
N LEU A 24 12.46 14.44 -4.50
CA LEU A 24 12.46 15.43 -3.44
C LEU A 24 13.88 15.79 -3.07
N LYS A 25 14.78 14.80 -3.10
CA LYS A 25 16.19 15.01 -2.78
C LYS A 25 16.81 15.92 -3.84
N GLU A 26 16.26 15.84 -5.05
CA GLU A 26 16.74 16.64 -6.15
C GLU A 26 16.33 18.10 -6.02
N LEU A 27 15.08 18.33 -5.61
CA LEU A 27 14.57 19.70 -5.45
C LEU A 27 15.16 20.39 -4.22
N GLY A 28 15.98 19.66 -3.47
CA GLY A 28 16.62 20.22 -2.29
C GLY A 28 16.15 19.71 -0.95
N PHE A 29 14.96 19.13 -0.90
CA PHE A 29 14.37 18.63 0.33
C PHE A 29 14.92 17.27 0.80
N ASN A 30 15.54 17.27 1.97
CA ASN A 30 16.12 16.05 2.55
C ASN A 30 15.43 15.51 3.80
N ASN A 31 14.51 16.30 4.37
CA ASN A 31 13.78 15.88 5.56
C ASN A 31 12.52 15.15 5.11
N VAL A 32 12.63 13.84 4.92
CA VAL A 32 11.51 13.03 4.44
C VAL A 32 11.33 11.70 5.16
N GLU A 33 10.18 11.55 5.81
CA GLU A 33 9.84 10.32 6.50
C GLU A 33 8.72 9.62 5.74
N GLU A 34 8.70 8.29 5.81
CA GLU A 34 7.69 7.53 5.10
C GLU A 34 6.73 6.75 5.98
N ALA A 35 5.55 6.44 5.44
CA ALA A 35 4.51 5.68 6.13
C ALA A 35 3.93 4.64 5.17
N GLU A 36 3.25 3.63 5.71
CA GLU A 36 2.69 2.56 4.90
C GLU A 36 1.21 2.70 4.57
N ASP A 37 0.49 3.48 5.36
CA ASP A 37 -0.95 3.65 5.16
C ASP A 37 -1.49 4.76 6.03
N GLY A 38 -2.78 5.07 5.87
CA GLY A 38 -3.39 6.13 6.65
C GLY A 38 -3.16 5.99 8.14
N VAL A 39 -3.24 4.76 8.64
CA VAL A 39 -3.05 4.52 10.05
C VAL A 39 -1.67 4.96 10.49
N ASP A 40 -0.64 4.21 10.07
CA ASP A 40 0.75 4.51 10.37
C ASP A 40 1.02 5.99 10.23
N ALA A 41 0.54 6.57 9.13
CA ALA A 41 0.69 8.00 8.86
C ALA A 41 0.15 8.85 10.01
N LEU A 42 -1.14 8.70 10.33
CA LEU A 42 -1.75 9.48 11.42
C LEU A 42 -0.93 9.43 12.70
N ASN A 43 -0.41 8.25 13.03
CA ASN A 43 0.42 8.09 14.22
C ASN A 43 1.65 8.99 14.08
N LYS A 44 2.41 8.78 13.01
CA LYS A 44 3.62 9.57 12.77
C LYS A 44 3.33 11.07 12.79
N LEU A 45 2.18 11.47 12.26
CA LEU A 45 1.76 12.87 12.22
C LEU A 45 1.52 13.45 13.61
N GLN A 46 1.11 12.61 14.56
CA GLN A 46 0.86 13.08 15.94
C GLN A 46 2.13 13.64 16.56
N ALA A 47 3.28 13.15 16.13
CA ALA A 47 4.58 13.61 16.62
C ALA A 47 4.79 15.09 16.27
N GLY A 48 4.03 15.57 15.29
CA GLY A 48 4.14 16.95 14.87
C GLY A 48 5.39 17.23 14.06
N GLY A 49 5.51 18.48 13.60
CA GLY A 49 6.68 18.88 12.82
C GLY A 49 6.49 18.81 11.32
N TYR A 50 5.56 17.96 10.87
CA TYR A 50 5.30 17.80 9.45
C TYR A 50 4.67 19.03 8.83
N GLY A 51 5.08 19.32 7.60
CA GLY A 51 4.57 20.48 6.89
C GLY A 51 4.06 20.14 5.50
N PHE A 52 4.14 18.86 5.11
CA PHE A 52 3.66 18.46 3.77
C PHE A 52 3.37 16.97 3.67
N VAL A 53 2.22 16.59 3.10
CA VAL A 53 1.88 15.18 2.92
C VAL A 53 1.68 14.78 1.45
N ILE A 54 2.28 13.67 1.06
CA ILE A 54 2.16 13.12 -0.29
C ILE A 54 1.66 11.69 -0.08
N SER A 55 0.56 11.31 -0.72
CA SER A 55 0.02 9.97 -0.49
C SER A 55 -0.71 9.27 -1.63
N ASP A 56 -0.69 7.94 -1.58
CA ASP A 56 -1.39 7.12 -2.55
C ASP A 56 -2.88 7.23 -2.21
N TRP A 57 -3.68 6.48 -2.96
CA TRP A 57 -5.12 6.44 -2.74
C TRP A 57 -5.50 5.05 -2.22
N ASN A 58 -4.91 3.99 -2.75
CA ASN A 58 -5.21 2.61 -2.33
C ASN A 58 -4.20 2.00 -1.39
N MET A 59 -4.56 1.91 -0.11
CA MET A 59 -3.71 1.34 0.93
C MET A 59 -4.58 0.56 1.91
N PRO A 60 -4.03 -0.49 2.53
CA PRO A 60 -4.83 -1.25 3.50
C PRO A 60 -4.97 -0.50 4.83
N ASN A 61 -6.00 -0.83 5.59
CA ASN A 61 -6.28 -0.21 6.88
C ASN A 61 -6.93 1.16 6.76
N MET A 62 -6.45 1.97 5.84
CA MET A 62 -7.02 3.28 5.62
C MET A 62 -6.50 3.83 4.30
N ASP A 63 -7.40 4.05 3.34
CA ASP A 63 -6.98 4.59 2.06
C ASP A 63 -6.66 6.09 2.12
N GLY A 64 -6.11 6.61 1.02
CA GLY A 64 -5.73 8.00 0.94
C GLY A 64 -6.84 9.00 1.15
N LEU A 65 -8.05 8.64 0.71
CA LEU A 65 -9.21 9.53 0.84
C LEU A 65 -9.67 9.68 2.28
N GLU A 66 -9.61 8.59 3.05
CA GLU A 66 -10.02 8.63 4.46
C GLU A 66 -8.98 9.42 5.23
N LEU A 67 -7.71 9.20 4.92
CA LEU A 67 -6.62 9.92 5.57
C LEU A 67 -6.78 11.40 5.29
N LEU A 68 -7.11 11.73 4.04
CA LEU A 68 -7.30 13.12 3.66
C LEU A 68 -8.37 13.71 4.56
N LYS A 69 -9.53 13.05 4.61
CA LYS A 69 -10.68 13.47 5.40
C LYS A 69 -10.33 13.65 6.87
N THR A 70 -9.70 12.63 7.44
CA THR A 70 -9.28 12.66 8.85
C THR A 70 -8.39 13.87 9.14
N ILE A 71 -7.52 14.23 8.19
CA ILE A 71 -6.61 15.35 8.36
C ILE A 71 -7.37 16.69 8.37
N ARG A 72 -8.32 16.84 7.47
CA ARG A 72 -9.09 18.08 7.38
C ARG A 72 -9.94 18.31 8.63
N ALA A 73 -10.51 17.23 9.16
CA ALA A 73 -11.35 17.27 10.35
C ALA A 73 -10.56 17.73 11.57
N ASP A 74 -9.43 17.07 11.82
CA ASP A 74 -8.56 17.41 12.93
C ASP A 74 -8.05 18.83 12.80
N GLY A 75 -8.44 19.69 13.73
CA GLY A 75 -8.05 21.09 13.71
C GLY A 75 -6.58 21.42 13.90
N ALA A 76 -5.86 20.56 14.59
CA ALA A 76 -4.45 20.81 14.83
C ALA A 76 -3.65 20.85 13.54
N MET A 77 -4.19 20.21 12.49
CA MET A 77 -3.51 20.11 11.21
C MET A 77 -4.51 20.13 10.07
N SER A 78 -5.56 20.91 10.23
CA SER A 78 -6.58 20.98 9.21
C SER A 78 -6.10 21.62 7.91
N ALA A 79 -5.00 22.38 7.99
CA ALA A 79 -4.48 23.07 6.82
C ALA A 79 -3.25 22.44 6.19
N LEU A 80 -2.81 21.34 6.77
CA LEU A 80 -1.63 20.64 6.26
C LEU A 80 -1.86 20.29 4.79
N PRO A 81 -0.96 20.73 3.90
CA PRO A 81 -1.11 20.42 2.47
C PRO A 81 -0.98 18.92 2.19
N VAL A 82 -1.93 18.38 1.45
CA VAL A 82 -1.95 16.98 1.10
C VAL A 82 -2.08 16.85 -0.41
N LEU A 83 -1.15 16.12 -1.03
CA LEU A 83 -1.16 15.92 -2.47
C LEU A 83 -1.36 14.43 -2.76
N MET A 84 -2.40 14.12 -3.54
CA MET A 84 -2.71 12.75 -3.91
C MET A 84 -1.95 12.34 -5.16
N VAL A 85 -1.40 11.13 -5.13
CA VAL A 85 -0.64 10.59 -6.25
C VAL A 85 -1.20 9.18 -6.48
N THR A 86 -2.15 9.06 -7.40
CA THR A 86 -2.77 7.76 -7.64
C THR A 86 -3.08 7.38 -9.10
N ALA A 87 -3.28 6.08 -9.32
CA ALA A 87 -3.61 5.56 -10.64
C ALA A 87 -5.05 5.89 -11.03
N GLU A 88 -5.91 6.01 -10.02
CA GLU A 88 -7.34 6.31 -10.18
C GLU A 88 -7.65 7.63 -10.91
N ALA A 89 -8.15 7.53 -12.14
CA ALA A 89 -8.46 8.74 -12.91
C ALA A 89 -9.96 8.95 -13.22
N LYS A 90 -10.82 8.18 -12.58
CA LYS A 90 -12.27 8.29 -12.79
C LYS A 90 -12.86 9.61 -12.27
N LYS A 91 -14.09 9.91 -12.66
CA LYS A 91 -14.79 11.14 -12.23
C LYS A 91 -15.06 11.19 -10.72
N GLU A 92 -15.43 10.04 -10.16
CA GLU A 92 -15.72 9.93 -8.73
C GLU A 92 -14.50 10.23 -7.86
N ASN A 93 -13.36 9.66 -8.22
CA ASN A 93 -12.12 9.85 -7.47
C ASN A 93 -11.64 11.30 -7.44
N ILE A 94 -11.74 12.00 -8.56
CA ILE A 94 -11.26 13.38 -8.60
C ILE A 94 -12.17 14.33 -7.86
N ILE A 95 -13.47 14.12 -7.97
CA ILE A 95 -14.43 14.98 -7.28
C ILE A 95 -14.34 14.76 -5.77
N ALA A 96 -14.19 13.50 -5.36
CA ALA A 96 -14.08 13.17 -3.95
C ALA A 96 -12.93 13.97 -3.36
N ALA A 97 -11.79 13.91 -4.03
CA ALA A 97 -10.59 14.62 -3.60
C ALA A 97 -10.79 16.12 -3.48
N ALA A 98 -11.47 16.71 -4.45
CA ALA A 98 -11.72 18.15 -4.47
C ALA A 98 -12.62 18.58 -3.30
N GLN A 99 -13.63 17.74 -3.03
CA GLN A 99 -14.58 17.94 -1.94
C GLN A 99 -13.91 17.82 -0.57
N ALA A 100 -13.05 16.81 -0.44
CA ALA A 100 -12.34 16.53 0.79
C ALA A 100 -11.29 17.59 1.12
N GLY A 101 -10.86 18.32 0.10
CA GLY A 101 -9.88 19.36 0.32
C GLY A 101 -8.46 19.02 -0.08
N ALA A 102 -8.28 18.22 -1.14
CA ALA A 102 -6.95 17.85 -1.59
C ALA A 102 -6.22 19.09 -2.10
N SER A 103 -4.92 19.18 -1.84
CA SER A 103 -4.14 20.32 -2.30
C SER A 103 -3.87 20.19 -3.79
N GLY A 104 -3.74 18.95 -4.26
CA GLY A 104 -3.47 18.69 -5.65
C GLY A 104 -3.62 17.21 -5.98
N TYR A 105 -3.59 16.88 -7.26
CA TYR A 105 -3.76 15.52 -7.72
C TYR A 105 -2.77 15.25 -8.86
N VAL A 106 -2.15 14.08 -8.82
CA VAL A 106 -1.18 13.68 -9.83
C VAL A 106 -1.54 12.25 -10.22
N VAL A 107 -1.81 12.04 -11.50
CA VAL A 107 -2.20 10.71 -12.00
C VAL A 107 -0.99 9.87 -12.38
N LYS A 108 -1.06 8.57 -12.09
CA LYS A 108 0.03 7.63 -12.39
C LYS A 108 -0.22 6.91 -13.72
N PRO A 109 0.86 6.69 -14.50
CA PRO A 109 2.24 7.07 -14.18
C PRO A 109 2.44 8.54 -14.48
N PHE A 110 3.40 9.15 -13.79
CA PHE A 110 3.71 10.56 -13.96
C PHE A 110 5.19 10.68 -14.25
N THR A 111 5.61 11.87 -14.69
CA THR A 111 7.02 12.14 -15.01
C THR A 111 7.62 13.16 -14.03
N ALA A 112 8.93 13.10 -13.84
CA ALA A 112 9.61 14.00 -12.91
C ALA A 112 9.23 15.45 -13.18
N ALA A 113 9.06 15.77 -14.47
CA ALA A 113 8.69 17.12 -14.88
C ALA A 113 7.40 17.56 -14.21
N THR A 114 6.36 16.73 -14.33
CA THR A 114 5.06 17.02 -13.73
C THR A 114 5.08 17.16 -12.21
N LEU A 115 5.54 16.12 -11.51
CA LEU A 115 5.61 16.13 -10.05
C LEU A 115 6.33 17.36 -9.52
N GLU A 116 7.34 17.85 -10.23
CA GLU A 116 8.07 19.03 -9.80
C GLU A 116 7.23 20.29 -10.00
N GLU A 117 6.43 20.31 -11.04
CA GLU A 117 5.58 21.45 -11.33
C GLU A 117 4.38 21.47 -10.38
N LYS A 118 3.89 20.28 -10.04
CA LYS A 118 2.76 20.17 -9.13
C LYS A 118 3.18 20.63 -7.75
N LEU A 119 4.43 20.35 -7.38
CA LEU A 119 4.91 20.79 -6.08
C LEU A 119 5.12 22.28 -6.10
N ASN A 120 5.86 22.79 -7.09
CA ASN A 120 6.12 24.22 -7.18
C ASN A 120 4.88 25.09 -7.36
N LYS A 121 3.78 24.48 -7.81
CA LYS A 121 2.52 25.22 -7.99
C LYS A 121 1.89 25.43 -6.60
N ILE A 122 1.86 24.35 -5.82
CA ILE A 122 1.29 24.37 -4.48
C ILE A 122 2.13 25.23 -3.56
N PHE A 123 3.44 25.29 -3.81
CA PHE A 123 4.33 26.11 -2.99
C PHE A 123 3.99 27.60 -3.13
N GLU A 124 3.63 28.02 -4.34
CA GLU A 124 3.26 29.42 -4.59
C GLU A 124 1.91 29.71 -3.96
N LYS A 125 0.89 28.97 -4.41
CA LYS A 125 -0.49 29.09 -3.95
C LYS A 125 -0.60 29.25 -2.43
N LEU A 126 0.22 28.51 -1.69
CA LEU A 126 0.21 28.55 -0.25
C LEU A 126 1.25 29.52 0.33
N GLY A 127 2.31 29.80 -0.44
CA GLY A 127 3.33 30.73 0.03
C GLY A 127 4.35 30.15 0.99
N MET A 128 4.70 28.88 0.79
CA MET A 128 5.69 28.20 1.63
C MET A 128 7.11 28.76 1.41
N LYS B 7 -6.71 -2.18 -9.69
CA LYS B 7 -5.87 -2.75 -8.61
C LYS B 7 -6.48 -4.06 -8.11
N SER B 8 -7.77 -4.24 -8.36
CA SER B 8 -8.48 -5.45 -7.97
C SER B 8 -7.97 -6.64 -8.81
N GLU B 9 -7.35 -6.31 -9.96
CA GLU B 9 -6.81 -7.33 -10.86
C GLU B 9 -5.39 -7.72 -10.46
N ALA B 10 -4.66 -6.80 -9.86
CA ALA B 10 -3.30 -7.08 -9.43
C ALA B 10 -3.33 -7.80 -8.09
N LEU B 11 -4.50 -7.80 -7.43
CA LEU B 11 -4.67 -8.46 -6.13
C LEU B 11 -5.32 -9.82 -6.21
N LEU B 12 -6.19 -10.01 -7.19
CA LEU B 12 -6.91 -11.26 -7.36
C LEU B 12 -6.54 -12.02 -8.61
N ASP B 13 -6.75 -13.33 -8.56
CA ASP B 13 -6.49 -14.21 -9.70
C ASP B 13 -7.83 -14.43 -10.40
N ILE B 14 -8.40 -13.33 -10.91
CA ILE B 14 -9.68 -13.33 -11.61
C ILE B 14 -9.89 -14.47 -12.61
N PRO B 15 -8.91 -14.73 -13.51
CA PRO B 15 -9.09 -15.84 -14.46
C PRO B 15 -9.43 -17.16 -13.75
N MET B 16 -8.77 -17.42 -12.63
CA MET B 16 -9.00 -18.63 -11.86
C MET B 16 -10.38 -18.65 -11.17
N LEU B 17 -10.71 -17.53 -10.52
CA LEU B 17 -11.99 -17.38 -9.80
C LEU B 17 -13.21 -17.45 -10.69
N GLU B 18 -13.15 -16.83 -11.87
CA GLU B 18 -14.27 -16.85 -12.80
C GLU B 18 -14.54 -18.27 -13.26
N GLN B 19 -13.49 -19.08 -13.30
CA GLN B 19 -13.63 -20.47 -13.69
C GLN B 19 -14.32 -21.19 -12.54
N TYR B 20 -13.80 -21.01 -11.32
CA TYR B 20 -14.41 -21.63 -10.15
C TYR B 20 -15.91 -21.37 -10.11
N LEU B 21 -16.30 -20.10 -10.26
CA LEU B 21 -17.71 -19.74 -10.21
C LEU B 21 -18.56 -20.48 -11.25
N GLU B 22 -18.05 -20.55 -12.49
CA GLU B 22 -18.77 -21.23 -13.56
C GLU B 22 -19.07 -22.71 -13.31
N LEU B 23 -18.03 -23.48 -12.99
CA LEU B 23 -18.18 -24.91 -12.73
C LEU B 23 -18.91 -25.29 -11.44
N VAL B 24 -18.24 -25.03 -10.31
CA VAL B 24 -18.73 -25.36 -8.96
C VAL B 24 -19.64 -24.36 -8.23
N GLY B 25 -19.16 -23.14 -8.02
CA GLY B 25 -19.95 -22.16 -7.31
C GLY B 25 -19.05 -21.46 -6.31
N PRO B 26 -19.58 -20.50 -5.53
CA PRO B 26 -18.78 -19.77 -4.55
C PRO B 26 -18.44 -20.52 -3.26
N LYS B 27 -19.28 -21.47 -2.88
CA LYS B 27 -19.09 -22.21 -1.63
C LYS B 27 -17.67 -22.68 -1.34
N LEU B 28 -17.00 -23.24 -2.35
CA LEU B 28 -15.63 -23.72 -2.12
C LEU B 28 -14.63 -22.60 -1.86
N ILE B 29 -14.84 -21.45 -2.49
CA ILE B 29 -13.94 -20.31 -2.31
C ILE B 29 -14.07 -19.75 -0.89
N THR B 30 -15.31 -19.49 -0.48
CA THR B 30 -15.59 -18.95 0.85
C THR B 30 -15.16 -19.93 1.94
N ASP B 31 -15.40 -21.22 1.70
CA ASP B 31 -15.00 -22.27 2.65
C ASP B 31 -13.50 -22.27 2.77
N GLY B 32 -12.83 -22.21 1.61
CA GLY B 32 -11.37 -22.20 1.57
C GLY B 32 -10.77 -20.95 2.18
N LEU B 33 -11.40 -19.82 1.89
CA LEU B 33 -11.00 -18.50 2.39
C LEU B 33 -11.18 -18.48 3.90
N ALA B 34 -12.20 -19.21 4.37
CA ALA B 34 -12.50 -19.32 5.79
C ALA B 34 -11.32 -19.98 6.50
N VAL B 35 -10.78 -21.02 5.87
CA VAL B 35 -9.63 -21.73 6.42
C VAL B 35 -8.40 -20.80 6.40
N PHE B 36 -8.20 -20.11 5.28
CA PHE B 36 -7.06 -19.20 5.13
C PHE B 36 -7.06 -18.14 6.24
N GLU B 37 -8.21 -17.48 6.47
CA GLU B 37 -8.31 -16.43 7.50
C GLU B 37 -7.89 -16.91 8.89
N LYS B 38 -8.06 -18.20 9.15
CA LYS B 38 -7.72 -18.78 10.44
C LYS B 38 -6.24 -19.12 10.57
N MET B 39 -5.70 -19.72 9.51
CA MET B 39 -4.31 -20.15 9.44
C MET B 39 -3.29 -19.06 9.18
N MET B 40 -3.69 -18.06 8.40
CA MET B 40 -2.81 -16.96 8.03
C MET B 40 -2.09 -16.26 9.18
N PRO B 41 -2.83 -15.82 10.21
CA PRO B 41 -2.20 -15.15 11.35
C PRO B 41 -1.05 -15.95 11.94
N GLY B 42 -1.23 -17.27 11.97
CA GLY B 42 -0.21 -18.16 12.48
C GLY B 42 1.01 -18.12 11.61
N TYR B 43 0.78 -18.20 10.30
CA TYR B 43 1.84 -18.16 9.31
C TYR B 43 2.74 -16.93 9.43
N VAL B 44 2.18 -15.73 9.28
CA VAL B 44 2.97 -14.50 9.38
C VAL B 44 3.79 -14.42 10.65
N SER B 45 3.22 -14.93 11.75
CA SER B 45 3.89 -14.90 13.03
C SER B 45 5.16 -15.73 12.98
N VAL B 46 5.05 -16.92 12.40
CA VAL B 46 6.18 -17.83 12.25
C VAL B 46 7.23 -17.19 11.34
N LEU B 47 6.78 -16.49 10.30
CA LEU B 47 7.66 -15.79 9.35
C LEU B 47 8.49 -14.77 10.11
N GLU B 48 7.78 -13.88 10.81
CA GLU B 48 8.35 -12.82 11.62
C GLU B 48 9.43 -13.32 12.55
N SER B 49 9.16 -14.48 13.14
CA SER B 49 10.06 -15.11 14.09
C SER B 49 11.38 -15.43 13.44
N ASN B 50 11.30 -16.24 12.40
CA ASN B 50 12.47 -16.69 11.64
C ASN B 50 13.29 -15.55 11.05
N LEU B 51 12.65 -14.40 10.82
CA LEU B 51 13.37 -13.24 10.28
C LEU B 51 14.33 -12.69 11.34
N THR B 52 13.82 -12.41 12.54
CA THR B 52 14.63 -11.87 13.63
C THR B 52 15.71 -12.86 14.02
N ALA B 53 15.34 -14.14 14.05
CA ALA B 53 16.27 -15.20 14.41
C ALA B 53 17.24 -15.48 13.25
N GLN B 54 16.87 -15.02 12.06
CA GLN B 54 17.67 -15.20 10.84
C GLN B 54 17.86 -16.64 10.40
N ASP B 55 16.80 -17.44 10.58
CA ASP B 55 16.81 -18.83 10.14
C ASP B 55 16.41 -18.81 8.66
N LYS B 56 17.41 -18.96 7.79
CA LYS B 56 17.19 -18.92 6.35
C LYS B 56 16.18 -19.98 5.88
N LYS B 57 16.40 -21.25 6.25
CA LYS B 57 15.50 -22.34 5.87
C LYS B 57 14.10 -22.08 6.43
N GLY B 58 14.07 -21.48 7.63
CA GLY B 58 12.80 -21.18 8.26
C GLY B 58 11.97 -20.31 7.36
N ILE B 59 12.53 -19.16 7.02
CA ILE B 59 11.89 -18.18 6.16
C ILE B 59 11.41 -18.79 4.84
N VAL B 60 12.31 -19.51 4.17
CA VAL B 60 12.00 -20.14 2.90
C VAL B 60 10.84 -21.11 2.98
N GLU B 61 10.90 -21.98 3.99
CA GLU B 61 9.89 -23.00 4.21
C GLU B 61 8.48 -22.42 4.41
N GLU B 62 8.38 -21.41 5.28
CA GLU B 62 7.11 -20.76 5.58
C GLU B 62 6.56 -20.00 4.38
N GLY B 63 7.47 -19.55 3.52
CA GLY B 63 7.06 -18.84 2.33
C GLY B 63 6.35 -19.81 1.41
N HIS B 64 6.92 -21.01 1.29
CA HIS B 64 6.34 -22.04 0.44
C HIS B 64 4.94 -22.42 0.91
N LYS B 65 4.74 -22.38 2.22
CA LYS B 65 3.44 -22.73 2.80
C LYS B 65 2.39 -21.64 2.52
N ILE B 66 2.75 -20.37 2.72
CA ILE B 66 1.83 -19.27 2.46
C ILE B 66 1.52 -19.17 0.98
N LYS B 67 2.52 -19.40 0.12
CA LYS B 67 2.33 -19.33 -1.33
C LYS B 67 1.22 -20.29 -1.77
N GLY B 68 1.23 -21.48 -1.20
CA GLY B 68 0.24 -22.48 -1.51
C GLY B 68 -1.10 -22.12 -0.91
N ALA B 69 -1.08 -21.71 0.35
CA ALA B 69 -2.29 -21.31 1.07
C ALA B 69 -3.02 -20.19 0.35
N ALA B 70 -2.28 -19.21 -0.11
CA ALA B 70 -2.83 -18.05 -0.80
C ALA B 70 -3.29 -18.43 -2.19
N GLY B 71 -2.47 -19.21 -2.88
CA GLY B 71 -2.77 -19.63 -4.24
C GLY B 71 -4.08 -20.35 -4.45
N SER B 72 -4.33 -21.33 -3.58
CA SER B 72 -5.54 -22.12 -3.65
C SER B 72 -6.81 -21.27 -3.53
N VAL B 73 -6.74 -20.19 -2.77
CA VAL B 73 -7.90 -19.32 -2.60
C VAL B 73 -7.93 -18.12 -3.56
N GLY B 74 -6.98 -18.07 -4.48
CA GLY B 74 -6.97 -17.00 -5.46
C GLY B 74 -6.46 -15.62 -5.09
N LEU B 75 -5.64 -15.53 -4.06
CA LEU B 75 -5.08 -14.23 -3.67
C LEU B 75 -3.73 -14.13 -4.36
N ARG B 76 -3.75 -13.63 -5.59
CA ARG B 76 -2.57 -13.50 -6.46
C ARG B 76 -1.35 -12.75 -5.92
N HIS B 77 -1.56 -11.53 -5.43
CA HIS B 77 -0.44 -10.76 -4.91
C HIS B 77 0.23 -11.47 -3.73
N LEU B 78 -0.55 -12.12 -2.88
CA LEU B 78 0.04 -12.82 -1.74
C LEU B 78 0.85 -13.99 -2.23
N GLN B 79 0.28 -14.75 -3.17
CA GLN B 79 0.94 -15.90 -3.76
C GLN B 79 2.29 -15.45 -4.33
N GLN B 80 2.25 -14.35 -5.07
CA GLN B 80 3.42 -13.78 -5.70
C GLN B 80 4.45 -13.38 -4.65
N LEU B 81 3.99 -12.70 -3.60
CA LEU B 81 4.84 -12.24 -2.50
C LEU B 81 5.42 -13.42 -1.73
N GLY B 82 4.75 -14.56 -1.80
CA GLY B 82 5.24 -15.76 -1.14
C GLY B 82 6.27 -16.41 -2.05
N GLN B 83 6.07 -16.26 -3.35
CA GLN B 83 6.96 -16.82 -4.37
C GLN B 83 8.37 -16.28 -4.20
N GLN B 84 8.46 -14.98 -3.91
CA GLN B 84 9.73 -14.32 -3.72
C GLN B 84 10.44 -14.69 -2.42
N ILE B 85 9.66 -14.83 -1.35
CA ILE B 85 10.21 -15.18 -0.06
C ILE B 85 10.80 -16.59 -0.06
N GLN B 86 10.20 -17.49 -0.83
CA GLN B 86 10.69 -18.87 -0.90
C GLN B 86 11.74 -19.07 -1.99
N SER B 87 12.29 -17.98 -2.52
CA SER B 87 13.28 -18.08 -3.58
C SER B 87 14.56 -17.32 -3.25
N PRO B 88 15.39 -17.87 -2.35
CA PRO B 88 16.66 -17.29 -1.88
C PRO B 88 17.82 -17.22 -2.89
N ASP B 89 17.61 -17.73 -4.10
CA ASP B 89 18.66 -17.70 -5.13
C ASP B 89 18.56 -16.39 -5.90
N LEU B 90 17.44 -15.68 -5.71
CA LEU B 90 17.20 -14.41 -6.37
C LEU B 90 18.23 -13.37 -5.94
N PRO B 91 18.71 -12.56 -6.91
CA PRO B 91 19.70 -11.53 -6.57
C PRO B 91 19.19 -10.54 -5.54
N ALA B 92 20.03 -10.24 -4.56
CA ALA B 92 19.71 -9.29 -3.48
C ALA B 92 18.50 -9.70 -2.64
N TRP B 93 18.34 -11.01 -2.47
CA TRP B 93 17.26 -11.58 -1.68
C TRP B 93 17.37 -11.07 -0.24
N GLU B 94 18.58 -11.11 0.33
CA GLU B 94 18.82 -10.67 1.70
C GLU B 94 18.42 -9.23 1.97
N ASP B 95 18.78 -8.34 1.05
CA ASP B 95 18.45 -6.93 1.23
C ASP B 95 16.96 -6.60 1.11
N ASN B 96 16.27 -7.30 0.21
CA ASN B 96 14.85 -7.05 -0.04
C ASN B 96 13.84 -8.00 0.63
N VAL B 97 14.30 -9.11 1.19
CA VAL B 97 13.41 -10.09 1.82
C VAL B 97 12.60 -9.57 3.01
N GLY B 98 13.23 -8.73 3.83
CA GLY B 98 12.54 -8.18 4.99
C GLY B 98 11.36 -7.29 4.64
N GLU B 99 11.46 -6.58 3.52
CA GLU B 99 10.39 -5.69 3.11
C GLU B 99 9.21 -6.52 2.58
N TRP B 100 9.52 -7.64 1.92
CA TRP B 100 8.46 -8.50 1.41
C TRP B 100 7.66 -9.14 2.53
N ILE B 101 8.30 -9.28 3.69
CA ILE B 101 7.65 -9.85 4.87
C ILE B 101 6.78 -8.79 5.54
N GLU B 102 7.30 -7.56 5.65
CA GLU B 102 6.56 -6.47 6.25
C GLU B 102 5.37 -6.12 5.38
N GLU B 103 5.48 -6.45 4.10
CA GLU B 103 4.41 -6.20 3.14
C GLU B 103 3.36 -7.30 3.21
N MET B 104 3.80 -8.50 3.55
CA MET B 104 2.92 -9.65 3.70
C MET B 104 2.02 -9.40 4.90
N LYS B 105 2.65 -8.91 5.97
CA LYS B 105 2.00 -8.59 7.25
C LYS B 105 1.03 -7.42 7.14
N GLU B 106 1.37 -6.47 6.27
CA GLU B 106 0.56 -5.27 6.10
C GLU B 106 -0.73 -5.40 5.29
N GLU B 107 -0.72 -6.21 4.24
CA GLU B 107 -1.90 -6.28 3.39
C GLU B 107 -2.73 -7.54 3.34
N TRP B 108 -2.32 -8.60 4.02
CA TRP B 108 -3.11 -9.82 3.93
C TRP B 108 -4.61 -9.67 4.24
N ARG B 109 -4.95 -8.93 5.29
CA ARG B 109 -6.37 -8.75 5.65
C ARG B 109 -7.14 -7.95 4.62
N HIS B 110 -6.47 -6.94 4.05
CA HIS B 110 -7.08 -6.09 3.04
C HIS B 110 -7.37 -6.89 1.77
N ASP B 111 -6.43 -7.77 1.44
CA ASP B 111 -6.54 -8.62 0.26
C ASP B 111 -7.75 -9.54 0.44
N VAL B 112 -7.88 -10.13 1.62
CA VAL B 112 -9.00 -11.00 1.93
C VAL B 112 -10.32 -10.26 1.74
N GLU B 113 -10.32 -9.00 2.18
CA GLU B 113 -11.51 -8.15 2.07
C GLU B 113 -11.86 -7.91 0.61
N VAL B 114 -10.86 -7.55 -0.18
CA VAL B 114 -11.10 -7.30 -1.59
C VAL B 114 -11.63 -8.56 -2.29
N LEU B 115 -11.24 -9.73 -1.80
CA LEU B 115 -11.70 -10.98 -2.37
C LEU B 115 -13.17 -11.23 -2.04
N LYS B 116 -13.53 -11.15 -0.75
CA LYS B 116 -14.91 -11.36 -0.31
C LYS B 116 -15.85 -10.43 -1.07
N ALA B 117 -15.42 -9.18 -1.18
CA ALA B 117 -16.17 -8.14 -1.86
C ALA B 117 -16.44 -8.53 -3.31
N TRP B 118 -15.38 -8.86 -4.04
CA TRP B 118 -15.49 -9.25 -5.43
C TRP B 118 -16.42 -10.44 -5.63
N VAL B 119 -16.34 -11.40 -4.71
CA VAL B 119 -17.18 -12.60 -4.78
C VAL B 119 -18.66 -12.24 -4.67
N ALA B 120 -18.99 -11.36 -3.73
CA ALA B 120 -20.36 -10.93 -3.52
C ALA B 120 -20.90 -10.26 -4.80
N LYS B 121 -20.22 -9.19 -5.21
CA LYS B 121 -20.60 -8.44 -6.40
C LYS B 121 -20.69 -9.38 -7.61
N ALA B 122 -19.77 -10.34 -7.68
CA ALA B 122 -19.74 -11.30 -8.77
C ALA B 122 -21.00 -12.18 -8.80
N THR B 123 -21.59 -12.43 -7.63
CA THR B 123 -22.79 -13.26 -7.56
C THR B 123 -24.10 -12.49 -7.22
S SO4 C . -2.82 3.88 -6.05
O1 SO4 C . -3.43 2.80 -6.83
O2 SO4 C . -2.15 4.87 -6.97
O3 SO4 C . -3.86 4.70 -5.26
O4 SO4 C . -1.85 3.30 -5.02
#